data_3AAL
#
_entry.id   3AAL
#
_cell.length_a   85.170
_cell.length_b   85.170
_cell.length_c   140.220
_cell.angle_alpha   90.000
_cell.angle_beta   90.000
_cell.angle_gamma   120.000
#
_symmetry.space_group_name_H-M   'P 61 2 2'
#
loop_
_entity.id
_entity.type
_entity.pdbx_description
1 polymer 'Probable endonuclease 4'
2 non-polymer 'CACODYLATE ION'
3 non-polymer 'FE (III) ION'
4 non-polymer 'ZINC ION'
5 water water
#
_entity_poly.entity_id   1
_entity_poly.type   'polypeptide(L)'
_entity_poly.pdbx_seq_one_letter_code
;GLNHMLKIGSHVSMSGKKMLLAASEEAASYGANTFMIYTGAPQNTKRKSIEELNIEAGRQHMQAHGIEEIVVHAPYIINI
GNTTNLDTFSLGVDFLRAEIERTEAIGAKQLVLHPGAHVGAGVEAGLRQIIRGLNEVLTREQNVQIALETMAGKGSECGR
TFEELAYIIDGVAYNDKLSVCFDTCHTHDAGYDIVNDFDGVLEEFDRIIGLGRLKVLHINDSKNPRGSRKDRHENIGFGH
IGFAALNYIVHHPQLEDIPKILETPYVGEDKNNKKPPYKHEIAMLRAQSFDDQLLEKINAGAE
;
_entity_poly.pdbx_strand_id   A
#
# COMPACT_ATOMS: atom_id res chain seq x y z
N LEU A 6 2.29 6.98 -17.12
CA LEU A 6 1.87 6.85 -15.68
C LEU A 6 1.89 5.39 -15.26
N LYS A 7 2.35 5.13 -14.03
CA LYS A 7 2.44 3.77 -13.52
C LYS A 7 1.20 3.50 -12.67
N ILE A 8 0.32 2.66 -13.18
CA ILE A 8 -0.93 2.36 -12.48
C ILE A 8 -1.13 0.87 -12.47
N GLY A 9 -1.48 0.35 -11.30
CA GLY A 9 -1.69 -1.07 -11.18
C GLY A 9 -2.56 -1.35 -9.96
N SER A 10 -2.42 -2.55 -9.42
CA SER A 10 -3.24 -2.95 -8.27
C SER A 10 -2.51 -4.03 -7.51
N HIS A 11 -3.05 -4.36 -6.33
CA HIS A 11 -2.51 -5.50 -5.65
C HIS A 11 -2.98 -6.72 -6.43
N VAL A 12 -2.12 -7.74 -6.45
CA VAL A 12 -2.39 -9.00 -7.15
C VAL A 12 -1.92 -10.09 -6.22
N SER A 13 -2.40 -11.30 -6.46
CA SER A 13 -2.00 -12.42 -5.61
C SER A 13 -0.67 -13.04 -5.98
N MET A 14 0.11 -13.28 -4.94
CA MET A 14 1.43 -13.88 -4.99
C MET A 14 1.14 -15.24 -4.34
N SER A 15 0.64 -16.18 -5.15
CA SER A 15 0.25 -17.49 -4.61
C SER A 15 0.32 -18.62 -5.60
N GLY A 16 0.04 -19.83 -5.11
CA GLY A 16 0.08 -21.02 -5.93
C GLY A 16 1.48 -21.43 -6.34
N LYS A 17 1.58 -22.44 -7.19
CA LYS A 17 2.90 -22.88 -7.61
C LYS A 17 3.60 -21.86 -8.51
N LYS A 18 2.82 -21.03 -9.21
CA LYS A 18 3.40 -20.05 -10.11
C LYS A 18 4.01 -18.82 -9.43
N MET A 19 3.51 -18.50 -8.23
CA MET A 19 4.01 -17.38 -7.44
C MET A 19 4.20 -16.09 -8.25
N LEU A 20 5.42 -15.57 -8.41
CA LEU A 20 5.55 -14.27 -9.10
C LEU A 20 5.03 -14.26 -10.53
N LEU A 21 5.08 -15.42 -11.18
CA LEU A 21 4.57 -15.54 -12.54
C LEU A 21 3.06 -15.30 -12.53
N ALA A 22 2.34 -15.87 -11.55
CA ALA A 22 0.91 -15.64 -11.50
C ALA A 22 0.59 -14.17 -11.23
N ALA A 23 1.39 -13.57 -10.33
CA ALA A 23 1.18 -12.17 -9.99
C ALA A 23 1.29 -11.28 -11.24
N SER A 24 2.32 -11.53 -12.05
CA SER A 24 2.55 -10.77 -13.27
C SER A 24 1.45 -11.01 -14.30
N GLU A 25 1.07 -12.28 -14.45
CA GLU A 25 -0.03 -12.62 -15.37
C GLU A 25 -1.31 -11.89 -14.96
N GLU A 26 -1.59 -11.87 -13.66
CA GLU A 26 -2.78 -11.20 -13.16
C GLU A 26 -2.74 -9.72 -13.44
N ALA A 27 -1.60 -9.10 -13.13
CA ALA A 27 -1.44 -7.67 -13.39
C ALA A 27 -1.64 -7.36 -14.89
N ALA A 28 -0.97 -8.13 -15.74
CA ALA A 28 -1.11 -7.92 -17.20
C ALA A 28 -2.57 -8.06 -17.63
N SER A 29 -3.32 -8.96 -17.01
CA SER A 29 -4.75 -9.15 -17.37
C SER A 29 -5.61 -7.91 -17.03
N TYR A 30 -5.12 -7.05 -16.13
CA TYR A 30 -5.85 -5.84 -15.76
C TYR A 30 -5.33 -4.63 -16.51
N GLY A 31 -4.31 -4.84 -17.35
CA GLY A 31 -3.73 -3.73 -18.07
C GLY A 31 -2.83 -2.85 -17.21
N ALA A 32 -2.32 -3.44 -16.13
CA ALA A 32 -1.43 -2.72 -15.20
C ALA A 32 0.03 -2.71 -15.66
N ASN A 33 0.76 -1.62 -15.39
CA ASN A 33 2.18 -1.57 -15.70
C ASN A 33 3.06 -1.52 -14.44
N THR A 34 2.42 -1.83 -13.32
CA THR A 34 3.05 -1.94 -12.01
C THR A 34 2.08 -2.76 -11.15
N PHE A 35 2.57 -3.39 -10.09
CA PHE A 35 1.68 -4.13 -9.22
C PHE A 35 2.28 -4.24 -7.84
N MET A 36 1.43 -4.59 -6.87
CA MET A 36 1.89 -4.76 -5.51
C MET A 36 1.51 -6.15 -5.06
N ILE A 37 2.45 -6.81 -4.39
CA ILE A 37 2.20 -8.13 -3.85
C ILE A 37 2.64 -8.18 -2.40
N TYR A 38 2.04 -9.11 -1.67
CA TYR A 38 2.52 -9.45 -0.34
C TYR A 38 3.45 -10.64 -0.73
N THR A 39 4.33 -11.09 0.17
CA THR A 39 5.23 -12.20 -0.18
C THR A 39 4.62 -13.60 0.05
N GLY A 40 3.34 -13.60 0.46
CA GLY A 40 2.58 -14.81 0.73
C GLY A 40 1.18 -14.35 1.10
N ALA A 41 0.51 -15.08 1.99
CA ALA A 41 -0.82 -14.70 2.48
C ALA A 41 -0.68 -13.35 3.17
N PRO A 42 -1.57 -12.38 2.88
CA PRO A 42 -1.46 -11.06 3.51
C PRO A 42 -1.70 -11.05 5.02
N GLN A 43 -2.41 -12.06 5.51
CA GLN A 43 -2.77 -12.12 6.92
C GLN A 43 -1.91 -12.96 7.84
N ASN A 44 -0.80 -13.49 7.33
CA ASN A 44 0.07 -14.31 8.17
C ASN A 44 1.56 -14.16 7.80
N THR A 45 2.43 -14.79 8.58
CA THR A 45 3.88 -14.72 8.36
C THR A 45 4.44 -16.01 7.75
N LYS A 46 3.55 -16.92 7.31
CA LYS A 46 3.96 -18.19 6.70
C LYS A 46 4.47 -17.90 5.30
N ARG A 47 5.72 -18.21 5.05
CA ARG A 47 6.29 -17.93 3.73
C ARG A 47 7.09 -19.05 3.06
N LYS A 48 7.18 -18.96 1.73
CA LYS A 48 7.95 -19.90 0.95
C LYS A 48 9.37 -19.41 0.83
N SER A 49 10.27 -20.27 0.35
CA SER A 49 11.67 -19.91 0.16
C SER A 49 11.79 -19.05 -1.11
N ILE A 50 12.93 -18.37 -1.25
CA ILE A 50 13.20 -17.52 -2.41
C ILE A 50 13.07 -18.28 -3.71
N GLU A 51 13.62 -19.49 -3.76
CA GLU A 51 13.57 -20.27 -4.99
C GLU A 51 12.14 -20.60 -5.43
N GLU A 52 11.26 -20.80 -4.45
CA GLU A 52 9.90 -21.13 -4.73
C GLU A 52 9.10 -19.92 -5.22
N LEU A 53 9.66 -18.72 -5.12
CA LEU A 53 8.94 -17.53 -5.56
C LEU A 53 8.89 -17.38 -7.08
N ASN A 54 9.65 -18.20 -7.80
CA ASN A 54 9.61 -18.20 -9.28
C ASN A 54 9.88 -16.79 -9.81
N ILE A 55 10.84 -16.11 -9.21
CA ILE A 55 11.14 -14.72 -9.54
C ILE A 55 11.58 -14.46 -10.99
N GLU A 56 12.43 -15.33 -11.54
CA GLU A 56 12.89 -15.13 -12.91
C GLU A 56 11.75 -15.32 -13.92
N ALA A 57 10.87 -16.28 -13.70
CA ALA A 57 9.74 -16.41 -14.61
C ALA A 57 8.87 -15.16 -14.52
N GLY A 58 8.64 -14.69 -13.29
CA GLY A 58 7.81 -13.51 -13.12
C GLY A 58 8.41 -12.28 -13.78
N ARG A 59 9.70 -12.10 -13.59
CA ARG A 59 10.36 -10.93 -14.15
C ARG A 59 10.45 -10.98 -15.66
N GLN A 60 10.53 -12.17 -16.22
CA GLN A 60 10.59 -12.29 -17.68
C GLN A 60 9.21 -11.95 -18.25
N HIS A 61 8.17 -12.37 -17.55
CA HIS A 61 6.82 -12.07 -17.99
C HIS A 61 6.60 -10.56 -17.88
N MET A 62 7.04 -9.95 -16.78
CA MET A 62 6.88 -8.51 -16.59
C MET A 62 7.50 -7.75 -17.76
N GLN A 63 8.73 -8.11 -18.09
CA GLN A 63 9.45 -7.45 -19.20
C GLN A 63 8.66 -7.55 -20.50
N ALA A 64 8.10 -8.73 -20.77
CA ALA A 64 7.34 -8.97 -21.99
C ALA A 64 6.00 -8.23 -22.01
N HIS A 65 5.51 -7.79 -20.85
CA HIS A 65 4.22 -7.12 -20.78
C HIS A 65 4.23 -5.66 -20.33
N GLY A 66 5.40 -5.05 -20.36
CA GLY A 66 5.50 -3.64 -20.00
C GLY A 66 5.34 -3.30 -18.53
N ILE A 67 5.59 -4.28 -17.66
CA ILE A 67 5.48 -4.03 -16.23
C ILE A 67 6.87 -3.65 -15.74
N GLU A 68 7.01 -2.44 -15.23
CA GLU A 68 8.33 -1.95 -14.86
C GLU A 68 8.72 -1.83 -13.41
N GLU A 69 7.74 -1.79 -12.51
CA GLU A 69 8.05 -1.68 -11.07
C GLU A 69 7.12 -2.54 -10.25
N ILE A 70 7.69 -3.24 -9.26
CA ILE A 70 6.92 -4.08 -8.34
C ILE A 70 7.07 -3.44 -6.95
N VAL A 71 5.99 -3.43 -6.19
CA VAL A 71 6.00 -2.95 -4.79
C VAL A 71 5.63 -4.17 -3.95
N VAL A 72 6.22 -4.29 -2.76
CA VAL A 72 5.89 -5.39 -1.88
C VAL A 72 5.24 -4.80 -0.64
N HIS A 73 4.29 -5.52 -0.03
CA HIS A 73 3.65 -5.05 1.20
C HIS A 73 3.87 -6.11 2.27
N ALA A 74 4.26 -5.69 3.48
CA ALA A 74 4.45 -6.62 4.58
C ALA A 74 3.04 -7.08 5.06
N PRO A 75 2.96 -8.25 5.73
CA PRO A 75 1.64 -8.73 6.19
C PRO A 75 1.01 -7.67 7.09
N TYR A 76 -0.31 -7.53 7.05
CA TYR A 76 -0.90 -6.49 7.84
C TYR A 76 -0.95 -6.80 9.33
N ILE A 77 -0.61 -8.04 9.69
CA ILE A 77 -0.57 -8.45 11.10
C ILE A 77 0.73 -8.08 11.82
N ILE A 78 1.74 -7.64 11.07
CA ILE A 78 2.98 -7.25 11.71
C ILE A 78 2.72 -6.03 12.59
N ASN A 79 3.19 -6.11 13.85
CA ASN A 79 2.98 -4.99 14.75
C ASN A 79 4.17 -4.67 15.65
N ILE A 80 5.07 -3.86 15.11
CA ILE A 80 6.23 -3.46 15.87
C ILE A 80 5.91 -2.29 16.79
N GLY A 81 4.62 -1.98 16.92
CA GLY A 81 4.21 -0.96 17.87
C GLY A 81 3.68 -1.64 19.15
N ASN A 82 3.63 -2.97 19.15
CA ASN A 82 3.06 -3.70 20.29
C ASN A 82 4.04 -3.71 21.50
N THR A 83 3.61 -3.12 22.63
CA THR A 83 4.42 -3.10 23.84
C THR A 83 3.88 -4.06 24.90
N THR A 84 2.78 -4.73 24.58
CA THR A 84 2.09 -5.65 25.49
C THR A 84 2.55 -7.09 25.35
N ASN A 85 2.62 -7.56 24.10
CA ASN A 85 3.06 -8.92 23.81
C ASN A 85 4.44 -8.78 23.19
N LEU A 86 5.46 -9.07 23.98
CA LEU A 86 6.82 -8.95 23.49
C LEU A 86 7.21 -9.91 22.40
N ASP A 87 6.49 -11.03 22.28
CA ASP A 87 6.74 -11.98 21.20
C ASP A 87 6.22 -11.38 19.87
N THR A 88 5.11 -10.65 19.94
CA THR A 88 4.57 -10.02 18.74
C THR A 88 5.59 -9.03 18.20
N PHE A 89 6.18 -8.28 19.11
CA PHE A 89 7.18 -7.32 18.72
C PHE A 89 8.41 -7.94 18.13
N SER A 90 8.99 -8.92 18.83
CA SER A 90 10.23 -9.51 18.40
C SER A 90 10.04 -10.33 17.15
N LEU A 91 8.89 -10.98 17.05
CA LEU A 91 8.65 -11.75 15.84
C LEU A 91 8.47 -10.78 14.67
N GLY A 92 7.88 -9.62 14.93
CA GLY A 92 7.69 -8.63 13.85
C GLY A 92 9.05 -8.16 13.35
N VAL A 93 9.97 -7.89 14.27
CA VAL A 93 11.30 -7.45 13.91
C VAL A 93 11.98 -8.53 13.07
N ASP A 94 11.94 -9.78 13.52
CA ASP A 94 12.60 -10.86 12.77
C ASP A 94 12.02 -11.02 11.37
N PHE A 95 10.68 -10.94 11.30
CA PHE A 95 10.00 -11.12 10.06
C PHE A 95 10.37 -10.02 9.07
N LEU A 96 10.41 -8.78 9.54
CA LEU A 96 10.74 -7.66 8.66
C LEU A 96 12.14 -7.78 8.11
N ARG A 97 13.10 -8.24 8.93
CA ARG A 97 14.46 -8.41 8.43
C ARG A 97 14.44 -9.40 7.25
N ALA A 98 13.70 -10.51 7.42
CA ALA A 98 13.57 -11.51 6.36
C ALA A 98 12.80 -10.94 5.15
N GLU A 99 11.78 -10.14 5.43
CA GLU A 99 10.95 -9.56 4.36
C GLU A 99 11.77 -8.60 3.48
N ILE A 100 12.68 -7.84 4.09
CA ILE A 100 13.54 -6.96 3.32
C ILE A 100 14.41 -7.81 2.37
N GLU A 101 14.92 -8.95 2.83
CA GLU A 101 15.72 -9.83 1.96
C GLU A 101 14.83 -10.37 0.81
N ARG A 102 13.61 -10.78 1.12
CA ARG A 102 12.71 -11.28 0.04
C ARG A 102 12.43 -10.18 -0.96
N THR A 103 12.20 -8.98 -0.46
CA THR A 103 11.91 -7.84 -1.33
C THR A 103 13.07 -7.53 -2.28
N GLU A 104 14.28 -7.57 -1.74
CA GLU A 104 15.47 -7.34 -2.53
C GLU A 104 15.60 -8.42 -3.60
N ALA A 105 15.31 -9.67 -3.25
CA ALA A 105 15.40 -10.77 -4.21
C ALA A 105 14.38 -10.65 -5.34
N ILE A 106 13.19 -10.17 -5.00
CA ILE A 106 12.11 -9.98 -5.96
C ILE A 106 12.44 -8.83 -6.94
N GLY A 107 13.28 -7.90 -6.50
CA GLY A 107 13.65 -6.77 -7.34
C GLY A 107 12.81 -5.53 -7.14
N ALA A 108 12.13 -5.46 -6.01
CA ALA A 108 11.32 -4.30 -5.66
C ALA A 108 12.18 -3.40 -4.76
N LYS A 109 11.98 -2.10 -4.83
CA LYS A 109 12.76 -1.20 -3.98
C LYS A 109 11.96 -0.78 -2.73
N GLN A 110 10.64 -0.90 -2.79
CA GLN A 110 9.76 -0.49 -1.69
C GLN A 110 9.01 -1.63 -1.03
N LEU A 111 9.12 -1.69 0.30
CA LEU A 111 8.37 -2.65 1.15
C LEU A 111 7.40 -1.82 2.03
N VAL A 112 6.11 -1.86 1.71
CA VAL A 112 5.10 -1.10 2.45
C VAL A 112 4.84 -1.76 3.80
N LEU A 113 4.74 -0.93 4.83
CA LEU A 113 4.51 -1.41 6.21
C LEU A 113 3.55 -0.50 6.96
N HIS A 114 2.52 -1.07 7.59
CA HIS A 114 1.64 -0.24 8.44
C HIS A 114 2.59 -0.09 9.63
N PRO A 115 2.86 1.15 10.05
CA PRO A 115 3.81 1.39 11.14
C PRO A 115 3.66 0.59 12.41
N GLY A 116 2.42 0.53 12.89
CA GLY A 116 2.17 -0.21 14.10
C GLY A 116 0.93 0.29 14.83
N ALA A 117 0.52 -0.46 15.83
CA ALA A 117 -0.68 -0.11 16.58
C ALA A 117 -0.38 -0.31 18.05
N HIS A 118 -0.82 0.66 18.85
CA HIS A 118 -0.49 0.60 20.27
C HIS A 118 -1.28 -0.38 21.11
N VAL A 119 -2.33 -0.93 20.50
CA VAL A 119 -3.23 -1.93 21.09
C VAL A 119 -3.65 -1.69 22.53
N GLY A 120 -3.75 -0.41 22.90
CA GLY A 120 -4.20 -0.07 24.25
C GLY A 120 -3.17 0.65 25.10
N ALA A 121 -1.92 0.69 24.67
CA ALA A 121 -0.90 1.37 25.45
C ALA A 121 -0.83 2.88 25.18
N GLY A 122 -1.58 3.33 24.16
CA GLY A 122 -1.59 4.76 23.81
C GLY A 122 -0.60 5.07 22.70
N VAL A 123 -0.93 6.07 21.88
CA VAL A 123 -0.09 6.48 20.75
C VAL A 123 1.37 6.75 21.10
N GLU A 124 1.61 7.49 22.19
CA GLU A 124 2.99 7.81 22.51
C GLU A 124 3.84 6.56 22.70
N ALA A 125 3.33 5.64 23.49
CA ALA A 125 4.03 4.39 23.73
C ALA A 125 4.23 3.60 22.44
N GLY A 126 3.20 3.59 21.59
CA GLY A 126 3.27 2.89 20.31
C GLY A 126 4.36 3.49 19.43
N LEU A 127 4.39 4.82 19.32
CA LEU A 127 5.42 5.45 18.48
C LEU A 127 6.83 5.11 18.96
N ARG A 128 7.06 5.10 20.28
CA ARG A 128 8.39 4.78 20.80
C ARG A 128 8.77 3.37 20.41
N GLN A 129 7.81 2.46 20.57
CA GLN A 129 8.05 1.08 20.22
C GLN A 129 8.37 0.87 18.73
N ILE A 130 7.65 1.57 17.84
CA ILE A 130 7.88 1.44 16.40
C ILE A 130 9.31 1.89 16.07
N ILE A 131 9.75 2.97 16.73
CA ILE A 131 11.13 3.44 16.53
C ILE A 131 12.12 2.36 16.97
N ARG A 132 11.87 1.73 18.12
CA ARG A 132 12.75 0.67 18.60
C ARG A 132 12.80 -0.45 17.60
N GLY A 133 11.63 -0.88 17.11
CA GLY A 133 11.56 -1.97 16.14
C GLY A 133 12.33 -1.66 14.85
N LEU A 134 12.12 -0.48 14.28
CA LEU A 134 12.81 -0.10 13.05
C LEU A 134 14.32 -0.03 13.26
N ASN A 135 14.74 0.43 14.43
CA ASN A 135 16.17 0.47 14.69
C ASN A 135 16.78 -0.92 14.82
N GLU A 136 15.96 -1.92 15.16
CA GLU A 136 16.44 -3.28 15.26
C GLU A 136 16.42 -3.94 13.89
N VAL A 137 15.52 -3.46 13.02
CA VAL A 137 15.37 -4.05 11.69
C VAL A 137 16.35 -3.58 10.62
N LEU A 138 16.47 -2.26 10.52
CA LEU A 138 17.26 -1.67 9.44
C LEU A 138 18.77 -1.88 9.45
N THR A 139 19.31 -2.21 8.27
CA THR A 139 20.76 -2.35 8.14
C THR A 139 21.24 -1.23 7.19
N ARG A 140 22.54 -0.89 7.27
CA ARG A 140 23.02 0.18 6.40
C ARG A 140 23.23 -0.26 4.97
N GLU A 141 23.36 -1.56 4.78
CA GLU A 141 23.57 -2.14 3.46
C GLU A 141 22.30 -2.45 2.67
N GLN A 142 21.15 -2.53 3.33
CA GLN A 142 19.96 -2.90 2.55
C GLN A 142 19.66 -1.95 1.39
N ASN A 143 19.19 -2.52 0.27
CA ASN A 143 18.83 -1.81 -0.96
C ASN A 143 17.32 -1.77 -1.14
N VAL A 144 16.62 -1.71 -0.03
CA VAL A 144 15.19 -1.64 0.01
C VAL A 144 14.83 -0.60 1.05
N GLN A 145 13.77 0.15 0.80
CA GLN A 145 13.29 1.10 1.78
C GLN A 145 11.98 0.58 2.36
N ILE A 146 11.77 0.80 3.65
CA ILE A 146 10.49 0.44 4.24
C ILE A 146 9.62 1.69 4.06
N ALA A 147 8.52 1.54 3.34
CA ALA A 147 7.61 2.64 3.07
C ALA A 147 6.50 2.60 4.13
N LEU A 148 6.63 3.46 5.14
CA LEU A 148 5.63 3.52 6.22
C LEU A 148 4.35 4.08 5.64
N GLU A 149 3.24 3.35 5.83
CA GLU A 149 1.99 3.79 5.24
C GLU A 149 1.18 4.77 6.08
N THR A 150 0.65 5.80 5.42
CA THR A 150 -0.24 6.77 6.10
C THR A 150 -1.45 5.93 6.48
N MET A 151 -1.85 5.95 7.75
CA MET A 151 -2.98 5.13 8.21
C MET A 151 -4.26 5.91 8.45
N ALA A 152 -5.39 5.23 8.41
CA ALA A 152 -6.69 5.84 8.64
C ALA A 152 -6.91 6.25 10.10
N GLY A 153 -6.22 5.59 11.00
CA GLY A 153 -6.47 5.85 12.40
C GLY A 153 -7.59 4.96 12.94
N LYS A 154 -7.85 3.83 12.28
CA LYS A 154 -8.88 2.94 12.84
C LYS A 154 -8.18 2.23 14.00
N GLY A 155 -8.97 1.67 14.90
CA GLY A 155 -8.37 0.93 16.01
C GLY A 155 -7.30 1.73 16.74
N SER A 156 -6.21 1.06 17.08
CA SER A 156 -5.11 1.71 17.79
C SER A 156 -3.97 2.08 16.84
N GLU A 157 -4.28 2.18 15.55
CA GLU A 157 -3.24 2.51 14.58
C GLU A 157 -2.46 3.79 14.87
N CYS A 158 -1.15 3.66 14.73
CA CYS A 158 -0.25 4.82 14.82
C CYS A 158 0.04 5.14 13.35
N GLY A 159 0.41 6.38 13.07
CA GLY A 159 0.67 6.78 11.70
C GLY A 159 -0.55 7.42 11.02
N ARG A 160 -1.52 7.84 11.82
CA ARG A 160 -2.75 8.49 11.34
C ARG A 160 -2.50 9.93 10.88
N THR A 161 -1.44 10.55 11.42
CA THR A 161 -1.11 11.91 11.02
C THR A 161 0.32 11.96 10.52
N PHE A 162 0.59 12.94 9.70
CA PHE A 162 1.93 13.08 9.16
C PHE A 162 2.92 13.32 10.30
N GLU A 163 2.49 14.04 11.34
CA GLU A 163 3.38 14.25 12.47
C GLU A 163 3.79 12.96 13.15
N GLU A 164 2.88 11.98 13.23
CA GLU A 164 3.24 10.70 13.85
C GLU A 164 4.31 10.02 13.00
N LEU A 165 4.17 10.06 11.67
CA LEU A 165 5.16 9.41 10.82
C LEU A 165 6.49 10.15 10.94
N ALA A 166 6.44 11.48 10.95
CA ALA A 166 7.67 12.27 11.10
C ALA A 166 8.40 11.98 12.42
N TYR A 167 7.64 11.75 13.48
CA TYR A 167 8.23 11.46 14.79
C TYR A 167 8.99 10.14 14.71
N ILE A 168 8.39 9.15 14.06
CA ILE A 168 9.05 7.87 13.90
C ILE A 168 10.34 8.05 13.09
N ILE A 169 10.22 8.67 11.93
CA ILE A 169 11.37 8.86 11.04
C ILE A 169 12.54 9.55 11.74
N ASP A 170 12.21 10.56 12.54
CA ASP A 170 13.22 11.31 13.27
C ASP A 170 13.98 10.46 14.30
N GLY A 171 13.34 9.45 14.84
CA GLY A 171 13.99 8.58 15.82
C GLY A 171 14.80 7.42 15.28
N VAL A 172 14.73 7.19 13.97
CA VAL A 172 15.42 6.07 13.35
C VAL A 172 16.79 6.48 12.84
N ALA A 173 17.82 5.72 13.23
CA ALA A 173 19.21 6.04 12.82
C ALA A 173 19.42 6.00 11.31
N TYR A 174 19.12 4.84 10.72
CA TYR A 174 19.29 4.68 9.28
C TYR A 174 18.02 5.09 8.56
N ASN A 175 17.55 6.31 8.86
CA ASN A 175 16.29 6.78 8.26
C ASN A 175 16.33 7.05 6.78
N ASP A 176 17.50 6.88 6.18
CA ASP A 176 17.58 7.01 4.73
C ASP A 176 16.92 5.78 4.13
N LYS A 177 16.70 4.75 4.96
CA LYS A 177 16.05 3.51 4.51
C LYS A 177 14.56 3.58 4.71
N LEU A 178 14.05 4.73 5.13
CA LEU A 178 12.60 4.91 5.30
C LEU A 178 11.98 5.83 4.25
N SER A 179 10.82 5.38 3.74
CA SER A 179 10.01 6.16 2.80
C SER A 179 8.59 6.11 3.34
N VAL A 180 7.64 6.67 2.58
CA VAL A 180 6.25 6.68 2.99
C VAL A 180 5.33 6.28 1.82
N CYS A 181 4.30 5.54 2.16
CA CYS A 181 3.27 5.16 1.17
C CYS A 181 2.05 6.00 1.53
N PHE A 182 1.53 6.78 0.58
CA PHE A 182 0.39 7.64 0.80
C PHE A 182 -0.84 6.93 0.25
N ASP A 183 -1.83 6.67 1.12
CA ASP A 183 -3.07 5.97 0.74
C ASP A 183 -4.21 6.99 0.80
N THR A 184 -4.92 7.14 -0.31
CA THR A 184 -5.98 8.13 -0.37
C THR A 184 -7.17 7.84 0.58
N CYS A 185 -7.55 6.58 0.73
CA CYS A 185 -8.65 6.29 1.67
C CYS A 185 -8.20 6.60 3.10
N HIS A 186 -6.99 6.18 3.44
CA HIS A 186 -6.47 6.41 4.79
C HIS A 186 -6.36 7.89 5.16
N THR A 187 -5.77 8.70 4.28
CA THR A 187 -5.63 10.13 4.58
C THR A 187 -6.96 10.85 4.71
N HIS A 188 -7.89 10.53 3.81
CA HIS A 188 -9.24 11.10 3.85
C HIS A 188 -9.92 10.67 5.18
N ASP A 189 -9.86 9.38 5.48
CA ASP A 189 -10.48 8.89 6.70
C ASP A 189 -9.84 9.46 7.97
N ALA A 190 -8.54 9.76 7.90
CA ALA A 190 -7.81 10.33 9.03
C ALA A 190 -8.22 11.78 9.25
N GLY A 191 -8.77 12.41 8.21
CA GLY A 191 -9.23 13.79 8.34
C GLY A 191 -8.69 14.80 7.33
N TYR A 192 -7.76 14.37 6.49
CA TYR A 192 -7.17 15.25 5.48
C TYR A 192 -8.18 15.51 4.36
N ASP A 193 -8.22 16.77 3.90
CA ASP A 193 -9.15 17.16 2.83
C ASP A 193 -8.59 16.95 1.43
N ILE A 194 -8.51 15.68 1.03
CA ILE A 194 -8.00 15.41 -0.31
C ILE A 194 -9.08 15.59 -1.38
N VAL A 195 -10.32 15.81 -0.95
CA VAL A 195 -11.44 16.01 -1.89
C VAL A 195 -11.41 17.43 -2.44
N ASN A 196 -11.29 18.41 -1.55
CA ASN A 196 -11.28 19.80 -1.95
C ASN A 196 -9.93 20.48 -2.00
N ASP A 197 -8.92 19.87 -1.38
CA ASP A 197 -7.60 20.48 -1.38
C ASP A 197 -6.48 19.45 -1.28
N PHE A 198 -6.45 18.55 -2.23
CA PHE A 198 -5.37 17.55 -2.27
C PHE A 198 -4.01 18.25 -2.30
N ASP A 199 -3.86 19.31 -3.09
CA ASP A 199 -2.57 20.00 -3.10
C ASP A 199 -2.15 20.50 -1.72
N GLY A 200 -3.12 20.98 -0.92
CA GLY A 200 -2.81 21.43 0.43
C GLY A 200 -2.36 20.28 1.32
N VAL A 201 -3.01 19.13 1.15
CA VAL A 201 -2.60 17.95 1.92
C VAL A 201 -1.19 17.52 1.47
N LEU A 202 -0.90 17.60 0.17
CA LEU A 202 0.42 17.19 -0.31
C LEU A 202 1.47 18.18 0.21
N GLU A 203 1.09 19.44 0.25
CA GLU A 203 2.03 20.45 0.74
C GLU A 203 2.29 20.27 2.25
N GLU A 204 1.24 19.90 3.00
CA GLU A 204 1.39 19.65 4.44
C GLU A 204 2.31 18.43 4.63
N PHE A 205 2.10 17.44 3.77
CA PHE A 205 2.96 16.24 3.79
C PHE A 205 4.41 16.64 3.51
N ASP A 206 4.62 17.51 2.53
CA ASP A 206 5.97 17.93 2.19
C ASP A 206 6.63 18.70 3.34
N ARG A 207 5.83 19.50 4.02
CA ARG A 207 6.37 20.27 5.13
C ARG A 207 6.74 19.44 6.37
N ILE A 208 5.92 18.43 6.69
CA ILE A 208 6.15 17.60 7.87
C ILE A 208 7.03 16.38 7.65
N ILE A 209 6.84 15.73 6.50
CA ILE A 209 7.60 14.52 6.16
C ILE A 209 8.61 14.77 5.06
N GLY A 210 8.13 15.37 3.97
CA GLY A 210 8.97 15.67 2.80
C GLY A 210 8.58 14.78 1.62
N LEU A 211 8.30 15.39 0.46
CA LEU A 211 7.88 14.62 -0.73
C LEU A 211 8.93 13.67 -1.24
N GLY A 212 10.17 13.96 -0.86
CA GLY A 212 11.29 13.11 -1.24
C GLY A 212 11.13 11.72 -0.72
N ARG A 213 10.33 11.59 0.34
CA ARG A 213 10.09 10.28 0.92
C ARG A 213 8.83 9.58 0.38
N LEU A 214 8.00 10.27 -0.38
CA LEU A 214 6.76 9.66 -0.89
C LEU A 214 7.16 8.74 -2.05
N LYS A 215 7.08 7.42 -1.82
CA LYS A 215 7.54 6.48 -2.83
C LYS A 215 6.48 5.54 -3.42
N VAL A 216 5.31 5.49 -2.78
CA VAL A 216 4.25 4.61 -3.25
C VAL A 216 2.91 5.28 -2.98
N LEU A 217 1.98 5.15 -3.91
CA LEU A 217 0.63 5.68 -3.75
C LEU A 217 -0.37 4.53 -3.80
N HIS A 218 -1.31 4.55 -2.87
CA HIS A 218 -2.43 3.58 -2.84
C HIS A 218 -3.66 4.40 -3.15
N ILE A 219 -4.34 4.01 -4.24
CA ILE A 219 -5.50 4.73 -4.77
C ILE A 219 -6.78 3.96 -4.48
N ASN A 220 -7.52 4.49 -3.51
CA ASN A 220 -8.75 3.89 -3.03
C ASN A 220 -9.82 4.93 -2.73
N ASP A 221 -11.07 4.66 -3.08
CA ASP A 221 -12.11 5.59 -2.66
C ASP A 221 -12.45 5.13 -1.24
N SER A 222 -13.37 5.81 -0.57
CA SER A 222 -13.75 5.47 0.81
C SER A 222 -15.25 5.37 0.99
N LYS A 223 -15.67 4.40 1.80
CA LYS A 223 -17.08 4.22 2.07
C LYS A 223 -17.59 5.19 3.14
N ASN A 224 -16.70 6.02 3.68
CA ASN A 224 -17.09 6.91 4.78
C ASN A 224 -16.59 8.34 4.62
N PRO A 225 -17.18 9.28 5.36
CA PRO A 225 -16.80 10.70 5.29
C PRO A 225 -15.40 10.97 5.82
N ARG A 226 -14.90 12.14 5.46
CA ARG A 226 -13.61 12.61 5.89
C ARG A 226 -13.55 12.57 7.41
N GLY A 227 -12.46 12.05 7.96
CA GLY A 227 -12.31 12.00 9.41
C GLY A 227 -12.99 10.85 10.14
N SER A 228 -13.65 9.97 9.38
CA SER A 228 -14.37 8.83 9.95
C SER A 228 -13.47 7.78 10.61
N ARG A 229 -12.19 7.71 10.18
CA ARG A 229 -11.22 6.76 10.75
C ARG A 229 -11.70 5.31 10.67
N LYS A 230 -12.37 4.97 9.57
CA LYS A 230 -12.93 3.62 9.42
C LYS A 230 -12.13 2.66 8.57
N ASP A 231 -11.49 3.16 7.53
CA ASP A 231 -10.69 2.31 6.63
C ASP A 231 -11.52 1.22 5.93
N ARG A 232 -12.50 1.66 5.15
CA ARG A 232 -13.32 0.73 4.36
C ARG A 232 -13.18 1.29 2.95
N HIS A 233 -12.34 0.64 2.16
CA HIS A 233 -12.12 1.09 0.78
C HIS A 233 -13.36 0.95 -0.09
N GLU A 234 -13.43 1.79 -1.11
CA GLU A 234 -14.56 1.77 -2.04
C GLU A 234 -14.07 1.88 -3.46
N ASN A 235 -14.85 1.32 -4.39
CA ASN A 235 -14.48 1.39 -5.79
C ASN A 235 -14.31 2.83 -6.25
N ILE A 236 -13.41 3.05 -7.20
CA ILE A 236 -13.09 4.40 -7.68
C ILE A 236 -14.30 5.21 -8.14
N GLY A 237 -14.55 6.30 -7.43
CA GLY A 237 -15.66 7.20 -7.77
C GLY A 237 -17.00 6.84 -7.16
N PHE A 238 -17.08 5.73 -6.46
CA PHE A 238 -18.35 5.28 -5.84
C PHE A 238 -18.47 5.63 -4.35
N GLY A 239 -17.49 6.39 -3.84
CA GLY A 239 -17.49 6.74 -2.43
C GLY A 239 -17.42 8.22 -2.14
N HIS A 240 -17.02 8.54 -0.90
CA HIS A 240 -16.94 9.92 -0.41
C HIS A 240 -15.78 10.76 -0.94
N ILE A 241 -14.81 10.15 -1.60
CA ILE A 241 -13.72 10.92 -2.17
C ILE A 241 -14.11 11.33 -3.58
N GLY A 242 -14.56 10.36 -4.38
CA GLY A 242 -15.03 10.69 -5.72
C GLY A 242 -14.04 10.61 -6.83
N PHE A 243 -14.57 10.46 -8.04
CA PHE A 243 -13.71 10.36 -9.19
C PHE A 243 -12.79 11.53 -9.47
N ALA A 244 -13.36 12.74 -9.47
CA ALA A 244 -12.57 13.92 -9.76
C ALA A 244 -11.32 14.01 -8.89
N ALA A 245 -11.46 13.81 -7.58
CA ALA A 245 -10.31 13.91 -6.71
C ALA A 245 -9.30 12.78 -6.93
N LEU A 246 -9.80 11.55 -7.07
CA LEU A 246 -8.91 10.41 -7.26
C LEU A 246 -8.16 10.48 -8.57
N ASN A 247 -8.84 10.90 -9.63
CA ASN A 247 -8.22 11.03 -10.94
C ASN A 247 -7.17 12.13 -10.94
N TYR A 248 -7.45 13.20 -10.19
CA TYR A 248 -6.54 14.33 -10.08
C TYR A 248 -5.23 13.86 -9.42
N ILE A 249 -5.37 13.06 -8.35
CA ILE A 249 -4.23 12.50 -7.64
C ILE A 249 -3.42 11.58 -8.57
N VAL A 250 -4.11 10.70 -9.29
CA VAL A 250 -3.45 9.78 -10.19
C VAL A 250 -2.64 10.46 -11.31
N HIS A 251 -3.11 11.62 -11.76
CA HIS A 251 -2.42 12.33 -12.84
C HIS A 251 -1.65 13.55 -12.34
N HIS A 252 -1.49 13.66 -11.03
CA HIS A 252 -0.83 14.82 -10.46
C HIS A 252 0.57 15.06 -10.99
N PRO A 253 0.86 16.31 -11.42
CA PRO A 253 2.17 16.66 -11.96
C PRO A 253 3.36 16.36 -11.06
N GLN A 254 3.14 16.35 -9.75
CA GLN A 254 4.23 16.08 -8.81
C GLN A 254 4.42 14.61 -8.46
N LEU A 255 3.54 13.77 -8.98
CA LEU A 255 3.59 12.35 -8.66
C LEU A 255 3.76 11.42 -9.86
N GLU A 256 4.27 11.94 -10.98
CA GLU A 256 4.42 11.13 -12.19
C GLU A 256 5.26 9.86 -12.11
N ASP A 257 6.33 9.88 -11.34
CA ASP A 257 7.18 8.71 -11.28
C ASP A 257 6.86 7.73 -10.14
N ILE A 258 5.75 7.99 -9.46
CA ILE A 258 5.34 7.17 -8.30
C ILE A 258 4.30 6.12 -8.71
N PRO A 259 4.55 4.84 -8.34
CA PRO A 259 3.57 3.82 -8.71
C PRO A 259 2.27 4.05 -7.94
N LYS A 260 1.16 3.94 -8.66
CA LYS A 260 -0.18 4.11 -8.09
C LYS A 260 -0.84 2.75 -8.08
N ILE A 261 -1.16 2.27 -6.87
CA ILE A 261 -1.71 0.93 -6.69
C ILE A 261 -3.14 0.93 -6.17
N LEU A 262 -4.05 0.34 -6.93
CA LEU A 262 -5.45 0.24 -6.47
C LEU A 262 -5.60 -0.91 -5.47
N GLU A 263 -6.35 -0.68 -4.39
CA GLU A 263 -6.62 -1.75 -3.43
C GLU A 263 -8.12 -1.72 -3.18
N THR A 264 -8.87 -1.41 -4.22
CA THR A 264 -10.32 -1.30 -4.13
C THR A 264 -11.01 -2.68 -3.94
N PRO A 265 -12.20 -2.66 -3.35
CA PRO A 265 -12.90 -3.94 -3.10
C PRO A 265 -13.34 -4.71 -4.34
N TYR A 266 -13.37 -6.03 -4.20
CA TYR A 266 -13.88 -6.85 -5.30
C TYR A 266 -15.37 -6.53 -5.43
N VAL A 267 -15.95 -6.78 -6.61
CA VAL A 267 -17.34 -6.46 -6.89
C VAL A 267 -18.27 -7.67 -6.93
N GLY A 268 -19.44 -7.53 -6.32
CA GLY A 268 -20.43 -8.60 -6.28
C GLY A 268 -21.42 -8.46 -5.14
N GLU A 269 -22.69 -8.69 -5.44
CA GLU A 269 -23.74 -8.61 -4.42
C GLU A 269 -23.58 -9.68 -3.35
N ASP A 270 -23.19 -10.89 -3.78
CA ASP A 270 -23.02 -11.93 -2.78
C ASP A 270 -21.58 -12.37 -2.56
N LYS A 271 -21.34 -12.75 -1.30
CA LYS A 271 -20.05 -13.17 -0.79
C LYS A 271 -19.32 -14.22 -1.63
N ASN A 272 -20.10 -15.14 -2.21
CA ASN A 272 -19.55 -16.23 -3.01
C ASN A 272 -19.31 -15.90 -4.46
N ASN A 273 -19.54 -14.65 -4.87
CA ASN A 273 -19.35 -14.27 -6.28
C ASN A 273 -18.73 -12.88 -6.34
N LYS A 274 -17.42 -12.84 -6.13
CA LYS A 274 -16.68 -11.57 -6.11
C LYS A 274 -15.63 -11.53 -7.20
N LYS A 275 -15.58 -10.42 -7.93
CA LYS A 275 -14.65 -10.25 -9.06
C LYS A 275 -13.78 -9.01 -8.91
N PRO A 276 -12.52 -9.07 -9.36
CA PRO A 276 -11.63 -7.91 -9.26
C PRO A 276 -12.12 -6.77 -10.15
N PRO A 277 -12.03 -5.51 -9.68
CA PRO A 277 -12.49 -4.34 -10.46
C PRO A 277 -11.39 -3.62 -11.21
N TYR A 278 -10.16 -4.10 -11.04
CA TYR A 278 -8.99 -3.40 -11.54
C TYR A 278 -8.86 -3.11 -13.00
N LYS A 279 -9.21 -4.06 -13.84
CA LYS A 279 -9.13 -3.79 -15.28
C LYS A 279 -10.00 -2.59 -15.64
N HIS A 280 -11.22 -2.59 -15.12
CA HIS A 280 -12.18 -1.51 -15.41
C HIS A 280 -11.78 -0.19 -14.76
N GLU A 281 -11.31 -0.25 -13.52
CA GLU A 281 -10.91 0.97 -12.83
C GLU A 281 -9.67 1.62 -13.45
N ILE A 282 -8.71 0.80 -13.85
CA ILE A 282 -7.49 1.33 -14.47
C ILE A 282 -7.85 1.99 -15.80
N ALA A 283 -8.71 1.32 -16.57
CA ALA A 283 -9.10 1.90 -17.87
C ALA A 283 -9.86 3.22 -17.64
N MET A 284 -10.69 3.26 -16.60
CA MET A 284 -11.47 4.47 -16.28
C MET A 284 -10.55 5.63 -15.91
N LEU A 285 -9.53 5.34 -15.10
CA LEU A 285 -8.58 6.35 -14.70
C LEU A 285 -7.72 6.82 -15.87
N ARG A 286 -7.38 5.91 -16.78
CA ARG A 286 -6.59 6.30 -17.95
C ARG A 286 -7.41 7.18 -18.89
N ALA A 287 -8.72 6.94 -18.94
CA ALA A 287 -9.65 7.69 -19.80
C ALA A 287 -10.06 9.00 -19.14
N GLN A 288 -9.86 9.08 -17.83
CA GLN A 288 -10.24 10.27 -17.07
C GLN A 288 -11.71 10.63 -17.19
N SER A 289 -12.56 9.61 -17.26
CA SER A 289 -14.00 9.79 -17.37
C SER A 289 -14.66 8.80 -16.42
N PHE A 290 -15.50 9.29 -15.50
CA PHE A 290 -16.18 8.39 -14.57
C PHE A 290 -17.29 7.61 -15.25
N ASP A 291 -17.38 6.32 -14.92
CA ASP A 291 -18.40 5.44 -15.47
C ASP A 291 -19.30 4.93 -14.35
N ASP A 292 -20.49 5.54 -14.24
CA ASP A 292 -21.48 5.22 -13.22
C ASP A 292 -21.97 3.77 -13.29
N GLN A 293 -21.72 3.10 -14.42
CA GLN A 293 -22.15 1.72 -14.58
C GLN A 293 -20.97 0.73 -14.46
N LEU A 294 -19.86 1.22 -13.91
CA LEU A 294 -18.68 0.37 -13.75
C LEU A 294 -18.95 -0.92 -12.98
N LEU A 295 -19.69 -0.83 -11.89
CA LEU A 295 -19.96 -2.01 -11.07
C LEU A 295 -20.87 -2.97 -11.79
N GLU A 296 -21.80 -2.44 -12.57
CA GLU A 296 -22.73 -3.24 -13.37
C GLU A 296 -21.92 -4.05 -14.38
N LYS A 297 -20.99 -3.38 -15.06
CA LYS A 297 -20.15 -4.00 -16.07
C LYS A 297 -19.27 -5.10 -15.46
N ILE A 298 -18.63 -4.80 -14.33
CA ILE A 298 -17.78 -5.79 -13.68
C ILE A 298 -18.58 -7.03 -13.29
N ASN A 299 -19.80 -6.81 -12.80
CA ASN A 299 -20.69 -7.88 -12.36
C ASN A 299 -21.46 -8.57 -13.50
N ALA A 300 -20.90 -8.51 -14.71
CA ALA A 300 -21.52 -9.14 -15.87
C ALA A 300 -20.45 -9.59 -16.86
N GLY A 301 -19.28 -8.96 -16.77
CA GLY A 301 -18.18 -9.29 -17.65
C GLY A 301 -18.06 -8.33 -18.82
N ALA A 302 -18.89 -7.28 -18.82
CA ALA A 302 -18.88 -6.27 -19.87
C ALA A 302 -17.59 -5.44 -19.83
N GLU A 303 -17.35 -4.63 -20.85
CA GLU A 303 -16.15 -3.80 -20.91
C GLU A 303 -16.39 -2.38 -20.40
#